data_3GX2
#
_entry.id   3GX2
#
_cell.length_a   62.614
_cell.length_b   62.614
_cell.length_c   158.395
_cell.angle_alpha   90.00
_cell.angle_beta   90.00
_cell.angle_gamma   90.00
#
_symmetry.space_group_name_H-M   'P 43 21 2'
#
loop_
_entity.id
_entity.type
_entity.pdbx_description
1 polymer 'RNA (94-MER)'
2 non-polymer SINEFUNGIN
3 non-polymer 'MAGNESIUM ION'
#
_entity_poly.entity_id   1
_entity_poly.type   'polyribonucleotide'
_entity_poly.pdbx_seq_one_letter_code
;GGCUUAUCAAGAGAGGUGGAGGGACUGGCCCGACGAAACCCGGCAACCAGAAAUGGUGCCAAUUCCUGCAGCGGAAACGU
UGAAAGAUGAGCCG
;
_entity_poly.pdbx_strand_id   A
#